data_7QHN
#
_entry.id   7QHN
#
_cell.length_a   82.891
_cell.length_b   82.891
_cell.length_c   146.616
_cell.angle_alpha   90.000
_cell.angle_beta   90.000
_cell.angle_gamma   90.000
#
_symmetry.space_group_name_H-M   'P 41 21 2'
#
loop_
_entity.id
_entity.type
_entity.pdbx_description
1 polymer 'Lysine--tRNA ligase 1'
2 non-polymer LYSINE
3 non-polymer 6-azanyl-2-cyclohexyl-4-fluoranyl-1~{H}-pyrrolo[3,4-c]pyridin-3-one
4 water water
#
_entity_poly.entity_id   1
_entity_poly.type   'polypeptide(L)'
_entity_poly.pdbx_seq_one_letter_code
;MGSSHHHHHHSSGENLYFQGHMSAADTAEDLPEQFRIRRDKRARLLAQGRDPYPVAVPRTHTLAEVRAAHPDLPIDTATE
DIVGVAGRVIFARNSGKLCFATLQDGDGTQLQVMISLDKVGQAALDAWKADVDLGDIVYVHGAVISSRRGELSVLADCWR
IAAKSLRPLPVAHKEMSEESRVRQRYVDLIVRPEARAVARLRIAVVRAIRTALQRRGFLEVETPVLQTLAGGAAARPFAT
HSNALDIDLYLRIAPELFLKRCIVGGFDKVFELNRVFRNEGADSTHSPEFSMLETYQTYGTYDDSAVVTRELIQEVADEA
IGTRQLPLPDGSVYDIDGEWATIQMYPSLSVALGEEITPQTTVDRLRGIADSLGLEKDPAIHDNRGFGHGKLIEELWERT
VGKSLSAPTFVKDFPVQTTPLTRQHRSIPGVTEKWDLYLRGIELATGYSELSDPVVQRERFADQARAAAAGDDEAAVLDE
DFLAALEYGMPPCTGTGMGIDRLLMSLTGLSIRETVLFPIVRPHSN
;
_entity_poly.pdbx_strand_id   A
#
# COMPACT_ATOMS: atom_id res chain seq x y z
N GLU A 33 -2.45 -11.07 -35.08
CA GLU A 33 -3.11 -10.86 -36.42
C GLU A 33 -4.54 -10.33 -36.23
N GLN A 34 -5.27 -10.84 -35.23
CA GLN A 34 -6.67 -10.42 -34.92
C GLN A 34 -6.69 -8.92 -34.60
N PHE A 35 -5.52 -8.34 -34.30
CA PHE A 35 -5.27 -6.88 -34.12
C PHE A 35 -5.79 -6.09 -35.33
N ARG A 36 -5.73 -6.68 -36.52
CA ARG A 36 -5.99 -5.99 -37.81
C ARG A 36 -7.48 -6.12 -38.18
N ILE A 37 -8.08 -7.31 -37.99
CA ILE A 37 -9.55 -7.56 -38.23
C ILE A 37 -10.38 -6.60 -37.37
N ARG A 38 -10.02 -6.44 -36.09
CA ARG A 38 -10.73 -5.57 -35.11
C ARG A 38 -10.67 -4.09 -35.57
N ARG A 39 -9.47 -3.60 -35.92
CA ARG A 39 -9.22 -2.20 -36.43
C ARG A 39 -10.06 -1.95 -37.70
N ASP A 40 -10.37 -3.02 -38.44
CA ASP A 40 -11.14 -3.00 -39.70
C ASP A 40 -12.64 -2.99 -39.38
N LYS A 41 -13.05 -3.58 -38.27
CA LYS A 41 -14.46 -3.50 -37.77
C LYS A 41 -14.72 -2.12 -37.18
N ARG A 42 -13.70 -1.51 -36.56
CA ARG A 42 -13.73 -0.09 -36.13
C ARG A 42 -14.02 0.77 -37.36
N ALA A 43 -13.10 0.74 -38.33
CA ALA A 43 -13.09 1.55 -39.58
C ALA A 43 -14.43 1.41 -40.32
N ARG A 44 -14.99 0.20 -40.42
CA ARG A 44 -16.25 -0.07 -41.19
C ARG A 44 -17.48 0.30 -40.37
N LEU A 45 -17.37 0.35 -39.02
CA LEU A 45 -18.46 0.83 -38.14
C LEU A 45 -18.58 2.35 -38.28
N LEU A 46 -17.45 3.08 -38.16
CA LEU A 46 -17.35 4.53 -38.44
C LEU A 46 -17.97 4.80 -39.82
N GLY A 49 -21.76 5.06 -40.17
CA GLY A 49 -22.34 5.94 -39.13
C GLY A 49 -22.85 5.20 -37.90
N ARG A 50 -22.23 4.06 -37.56
CA ARG A 50 -22.34 3.41 -36.23
C ARG A 50 -21.24 3.98 -35.33
N ASP A 51 -21.53 4.26 -34.05
CA ASP A 51 -20.54 4.86 -33.13
C ASP A 51 -19.99 3.76 -32.22
N PRO A 52 -18.70 3.38 -32.42
CA PRO A 52 -18.05 2.33 -31.62
C PRO A 52 -17.51 2.84 -30.27
N TYR A 53 -17.25 4.14 -30.19
CA TYR A 53 -16.84 4.89 -28.97
C TYR A 53 -17.84 6.01 -28.70
N PRO A 54 -19.13 5.70 -28.42
CA PRO A 54 -20.16 6.73 -28.25
C PRO A 54 -20.05 7.55 -26.96
N VAL A 55 -20.18 8.89 -27.08
CA VAL A 55 -19.95 9.90 -26.00
C VAL A 55 -20.68 9.50 -24.72
N ALA A 56 -21.90 8.95 -24.85
CA ALA A 56 -22.78 8.54 -23.74
C ALA A 56 -23.43 7.22 -24.11
N VAL A 57 -23.86 6.47 -23.09
CA VAL A 57 -24.96 5.47 -23.19
C VAL A 57 -25.74 5.57 -21.88
N PRO A 58 -27.08 5.40 -21.91
CA PRO A 58 -27.90 5.64 -20.73
C PRO A 58 -27.93 4.38 -19.85
N ARG A 59 -26.77 3.96 -19.34
CA ARG A 59 -26.69 2.85 -18.37
C ARG A 59 -27.43 3.28 -17.10
N THR A 60 -28.44 2.49 -16.72
CA THR A 60 -29.38 2.77 -15.61
C THR A 60 -28.87 2.12 -14.31
N HIS A 61 -28.22 0.97 -14.43
CA HIS A 61 -27.71 0.16 -13.29
C HIS A 61 -26.37 -0.50 -13.63
N THR A 62 -25.51 -0.67 -12.63
CA THR A 62 -24.37 -1.63 -12.61
C THR A 62 -24.97 -3.03 -12.51
N LEU A 63 -24.24 -4.06 -12.95
CA LEU A 63 -24.73 -5.47 -12.92
C LEU A 63 -24.90 -5.93 -11.47
N ALA A 64 -24.00 -5.49 -10.58
CA ALA A 64 -24.14 -5.69 -9.12
C ALA A 64 -25.54 -5.21 -8.71
N GLU A 65 -25.87 -3.97 -9.07
CA GLU A 65 -27.17 -3.32 -8.78
C GLU A 65 -28.33 -4.22 -9.24
N VAL A 66 -28.19 -4.81 -10.43
CA VAL A 66 -29.22 -5.68 -11.09
C VAL A 66 -29.32 -7.01 -10.32
N ARG A 67 -28.20 -7.49 -9.79
CA ARG A 67 -28.12 -8.77 -9.02
C ARG A 67 -28.72 -8.57 -7.63
N ALA A 68 -28.21 -7.58 -6.90
CA ALA A 68 -28.69 -7.11 -5.59
C ALA A 68 -30.20 -6.84 -5.65
N ALA A 69 -30.73 -6.53 -6.84
CA ALA A 69 -32.16 -6.25 -7.12
C ALA A 69 -32.97 -7.56 -7.15
N HIS A 70 -32.45 -8.59 -7.84
CA HIS A 70 -33.18 -9.83 -8.22
C HIS A 70 -32.44 -11.06 -7.69
N PRO A 71 -32.31 -11.18 -6.35
CA PRO A 71 -31.40 -12.16 -5.75
C PRO A 71 -31.82 -13.62 -5.87
N ASP A 72 -33.13 -13.91 -5.91
CA ASP A 72 -33.67 -15.30 -6.00
C ASP A 72 -34.86 -15.33 -6.96
N LEU A 73 -34.63 -14.98 -8.24
CA LEU A 73 -35.66 -14.94 -9.30
C LEU A 73 -36.01 -16.37 -9.72
N PRO A 74 -37.29 -16.83 -9.56
CA PRO A 74 -37.70 -18.15 -10.05
C PRO A 74 -37.15 -18.40 -11.47
N ILE A 75 -36.03 -19.13 -11.56
CA ILE A 75 -35.21 -19.30 -12.81
C ILE A 75 -36.13 -19.73 -13.96
N ASP A 76 -35.87 -19.20 -15.17
CA ASP A 76 -36.68 -19.44 -16.40
C ASP A 76 -38.03 -18.74 -16.23
N THR A 77 -38.00 -17.50 -15.73
CA THR A 77 -39.20 -16.63 -15.59
C THR A 77 -38.79 -15.19 -15.85
N ALA A 78 -39.71 -14.39 -16.39
CA ALA A 78 -39.48 -13.01 -16.88
C ALA A 78 -40.15 -11.99 -15.95
N THR A 79 -39.43 -10.90 -15.63
CA THR A 79 -39.93 -9.74 -14.84
C THR A 79 -39.74 -8.45 -15.64
N GLU A 80 -40.73 -7.56 -15.57
CA GLU A 80 -40.89 -6.41 -16.50
C GLU A 80 -40.02 -5.24 -16.07
N ASP A 81 -39.17 -5.42 -15.04
CA ASP A 81 -38.09 -4.45 -14.72
C ASP A 81 -37.22 -4.31 -15.97
N ILE A 82 -37.33 -3.17 -16.65
CA ILE A 82 -36.44 -2.77 -17.78
C ILE A 82 -35.22 -2.09 -17.18
N VAL A 83 -34.04 -2.34 -17.76
CA VAL A 83 -32.74 -1.78 -17.31
C VAL A 83 -31.84 -1.57 -18.53
N GLY A 84 -31.20 -0.40 -18.61
CA GLY A 84 -29.99 -0.20 -19.42
C GLY A 84 -28.77 -0.66 -18.63
N VAL A 85 -28.14 -1.75 -19.05
CA VAL A 85 -26.86 -2.22 -18.45
C VAL A 85 -25.78 -2.20 -19.53
N ALA A 86 -24.54 -2.05 -19.08
CA ALA A 86 -23.33 -2.17 -19.90
C ALA A 86 -22.45 -3.26 -19.29
N GLY A 87 -21.52 -3.81 -20.09
CA GLY A 87 -20.64 -4.92 -19.66
C GLY A 87 -19.62 -5.29 -20.72
N ARG A 88 -18.46 -5.73 -20.26
CA ARG A 88 -17.39 -6.31 -21.13
C ARG A 88 -17.85 -7.71 -21.53
N VAL A 89 -18.04 -7.95 -22.83
CA VAL A 89 -18.37 -9.31 -23.34
C VAL A 89 -17.09 -10.15 -23.26
N ILE A 90 -17.00 -10.98 -22.21
CA ILE A 90 -15.81 -11.80 -21.90
C ILE A 90 -16.06 -13.25 -22.34
N PHE A 91 -17.32 -13.56 -22.69
CA PHE A 91 -17.77 -14.85 -23.27
C PHE A 91 -18.84 -14.52 -24.30
N ALA A 92 -18.88 -15.29 -25.39
CA ALA A 92 -19.99 -15.30 -26.38
C ALA A 92 -20.46 -16.74 -26.56
N ARG A 93 -21.59 -16.94 -27.26
CA ARG A 93 -22.13 -18.29 -27.61
C ARG A 93 -23.23 -18.13 -28.65
N ASN A 94 -22.82 -17.76 -29.87
CA ASN A 94 -23.72 -17.32 -30.97
C ASN A 94 -24.42 -18.57 -31.53
N SER A 95 -25.75 -18.48 -31.71
CA SER A 95 -26.64 -19.64 -31.95
C SER A 95 -27.81 -19.23 -32.86
N LYS A 97 -30.71 -17.83 -34.27
CA LYS A 97 -31.76 -16.84 -33.89
C LYS A 97 -31.41 -16.14 -32.57
N LEU A 98 -30.49 -16.71 -31.77
CA LEU A 98 -30.22 -16.28 -30.36
C LEU A 98 -28.74 -16.45 -30.03
N CYS A 99 -28.06 -15.33 -29.71
CA CYS A 99 -26.68 -15.28 -29.14
C CYS A 99 -26.81 -15.19 -27.61
N PHE A 100 -25.84 -15.76 -26.87
CA PHE A 100 -25.69 -15.56 -25.40
C PHE A 100 -24.25 -15.17 -25.08
N ALA A 101 -24.10 -14.04 -24.37
CA ALA A 101 -22.80 -13.50 -23.94
C ALA A 101 -22.71 -13.52 -22.41
N THR A 102 -21.52 -13.22 -21.91
CA THR A 102 -21.30 -12.79 -20.51
C THR A 102 -20.77 -11.36 -20.54
N LEU A 103 -21.65 -10.44 -20.16
CA LEU A 103 -21.30 -9.06 -19.76
C LEU A 103 -20.73 -9.14 -18.35
N GLN A 104 -19.41 -8.95 -18.22
CA GLN A 104 -18.75 -8.74 -16.91
C GLN A 104 -18.56 -7.23 -16.70
N ASP A 105 -19.19 -6.71 -15.64
CA ASP A 105 -18.95 -5.33 -15.10
C ASP A 105 -17.49 -5.28 -14.64
N GLY A 106 -16.90 -4.08 -14.56
CA GLY A 106 -15.47 -3.88 -14.26
C GLY A 106 -15.07 -4.42 -12.89
N ASP A 107 -16.02 -4.59 -11.99
CA ASP A 107 -15.77 -5.12 -10.62
C ASP A 107 -15.64 -6.65 -10.67
N GLY A 108 -16.11 -7.27 -11.75
CA GLY A 108 -16.12 -8.74 -11.91
C GLY A 108 -17.52 -9.29 -11.96
N THR A 109 -18.51 -8.58 -11.42
CA THR A 109 -19.94 -9.04 -11.37
C THR A 109 -20.33 -9.46 -12.80
N GLN A 110 -21.14 -10.52 -12.91
CA GLN A 110 -21.54 -11.11 -14.22
C GLN A 110 -23.05 -11.03 -14.42
N LEU A 111 -23.48 -10.68 -15.63
CA LEU A 111 -24.89 -10.89 -16.09
C LEU A 111 -24.94 -11.60 -17.46
N SER A 116 -31.58 -11.77 -29.12
CA SER A 116 -32.56 -12.68 -29.77
C SER A 116 -32.98 -12.17 -31.16
N GLY A 121 -34.90 -6.80 -34.08
CA GLY A 121 -33.85 -6.68 -35.11
C GLY A 121 -33.30 -8.02 -35.54
N GLN A 122 -33.61 -8.42 -36.78
CA GLN A 122 -32.84 -9.41 -37.59
C GLN A 122 -31.48 -8.77 -37.92
N ALA A 123 -31.49 -7.51 -38.37
CA ALA A 123 -30.31 -6.66 -38.64
C ALA A 123 -29.51 -6.45 -37.34
N ALA A 124 -30.21 -6.35 -36.21
CA ALA A 124 -29.62 -6.29 -34.85
C ALA A 124 -28.74 -7.53 -34.63
N LEU A 125 -29.28 -8.72 -34.87
CA LEU A 125 -28.61 -10.03 -34.65
C LEU A 125 -27.37 -10.12 -35.54
N ASP A 126 -27.51 -9.78 -36.83
CA ASP A 126 -26.41 -9.79 -37.84
C ASP A 126 -25.28 -8.90 -37.33
N ALA A 127 -25.60 -7.62 -37.10
CA ALA A 127 -24.70 -6.63 -36.47
C ALA A 127 -24.04 -7.30 -35.25
N TRP A 128 -24.85 -7.79 -34.31
CA TRP A 128 -24.34 -8.45 -33.08
C TRP A 128 -23.20 -9.39 -33.46
N LYS A 129 -23.51 -10.41 -34.27
CA LYS A 129 -22.57 -11.48 -34.69
C LYS A 129 -21.32 -10.85 -35.34
N ALA A 130 -21.53 -10.02 -36.37
CA ALA A 130 -20.45 -9.47 -37.23
C ALA A 130 -19.60 -8.46 -36.45
N ASP A 131 -20.23 -7.70 -35.55
CA ASP A 131 -19.64 -6.45 -34.98
C ASP A 131 -19.01 -6.76 -33.62
N VAL A 132 -19.60 -7.69 -32.83
CA VAL A 132 -19.25 -7.94 -31.40
C VAL A 132 -18.18 -9.04 -31.30
N ASP A 133 -17.01 -8.69 -30.75
CA ASP A 133 -15.86 -9.58 -30.45
C ASP A 133 -15.83 -9.88 -28.94
N LEU A 134 -14.68 -10.29 -28.41
CA LEU A 134 -14.42 -10.50 -26.94
C LEU A 134 -13.50 -9.39 -26.42
N GLY A 135 -13.73 -8.96 -25.17
CA GLY A 135 -13.12 -7.75 -24.60
C GLY A 135 -13.71 -6.48 -25.20
N ASP A 136 -14.94 -6.56 -25.75
CA ASP A 136 -15.73 -5.42 -26.27
C ASP A 136 -16.75 -5.00 -25.20
N ILE A 137 -16.73 -3.72 -24.81
CA ILE A 137 -17.71 -3.16 -23.86
C ILE A 137 -18.99 -2.86 -24.65
N VAL A 138 -20.13 -3.30 -24.12
CA VAL A 138 -21.43 -3.38 -24.83
C VAL A 138 -22.56 -2.96 -23.88
N TYR A 139 -23.38 -2.00 -24.30
CA TYR A 139 -24.64 -1.61 -23.60
C TYR A 139 -25.79 -2.42 -24.19
N VAL A 140 -26.74 -2.86 -23.35
CA VAL A 140 -28.00 -3.52 -23.78
C VAL A 140 -29.14 -3.05 -22.87
N HIS A 141 -30.17 -2.44 -23.47
CA HIS A 141 -31.46 -2.07 -22.83
C HIS A 141 -32.43 -3.24 -22.99
N GLY A 142 -33.03 -3.72 -21.91
CA GLY A 142 -34.05 -4.78 -22.03
C GLY A 142 -34.52 -5.34 -20.70
N ALA A 143 -35.42 -6.32 -20.79
CA ALA A 143 -36.15 -6.93 -19.66
C ALA A 143 -35.25 -7.93 -18.94
N VAL A 144 -35.16 -7.84 -17.60
CA VAL A 144 -34.37 -8.79 -16.77
C VAL A 144 -35.17 -10.09 -16.63
N ILE A 145 -34.54 -11.21 -17.01
CA ILE A 145 -35.08 -12.60 -16.90
C ILE A 145 -34.00 -13.45 -16.23
N SER A 146 -34.31 -14.72 -16.00
CA SER A 146 -33.32 -15.76 -15.59
C SER A 146 -33.49 -16.96 -16.52
N SER A 147 -32.38 -17.55 -16.97
CA SER A 147 -32.37 -18.58 -18.04
C SER A 147 -32.79 -19.95 -17.49
N ARG A 148 -32.93 -20.94 -18.37
CA ARG A 148 -33.22 -22.36 -18.01
C ARG A 148 -32.19 -22.83 -16.96
N GLU A 151 -29.46 -18.82 -14.61
CA GLU A 151 -28.44 -17.76 -14.70
C GLU A 151 -29.14 -16.45 -15.07
N LEU A 152 -28.91 -15.40 -14.26
CA LEU A 152 -29.57 -14.07 -14.44
C LEU A 152 -29.08 -13.44 -15.75
N SER A 153 -30.03 -13.02 -16.58
CA SER A 153 -29.79 -12.50 -17.95
C SER A 153 -30.63 -11.25 -18.15
N VAL A 154 -30.19 -10.35 -19.02
CA VAL A 154 -31.04 -9.27 -19.58
C VAL A 154 -31.38 -9.69 -21.02
N LEU A 155 -32.66 -9.67 -21.40
CA LEU A 155 -33.14 -9.96 -22.78
C LEU A 155 -33.39 -8.65 -23.54
N ASP A 157 -34.19 -5.33 -25.62
CA ASP A 157 -35.05 -4.49 -26.52
C ASP A 157 -34.16 -3.79 -27.54
N CYS A 158 -33.07 -3.19 -27.05
CA CYS A 158 -32.02 -2.50 -27.83
C CYS A 158 -30.64 -3.06 -27.45
N TRP A 159 -29.61 -2.73 -28.22
CA TRP A 159 -28.18 -2.92 -27.86
C TRP A 159 -27.31 -1.99 -28.71
N ARG A 160 -26.12 -1.64 -28.20
CA ARG A 160 -25.15 -0.71 -28.85
C ARG A 160 -23.75 -1.06 -28.34
N ILE A 161 -22.71 -0.88 -29.17
CA ILE A 161 -21.29 -1.04 -28.74
C ILE A 161 -20.88 0.23 -27.99
N ALA A 162 -20.38 0.08 -26.77
CA ALA A 162 -19.88 1.17 -25.90
C ALA A 162 -18.40 1.41 -26.19
N ALA A 163 -17.64 0.34 -26.38
CA ALA A 163 -16.20 0.43 -26.73
C ALA A 163 -15.75 -0.80 -27.51
N LYS A 164 -15.26 -0.58 -28.74
CA LYS A 164 -14.72 -1.63 -29.64
C LYS A 164 -13.26 -1.89 -29.26
N SER A 165 -12.97 -3.08 -28.74
CA SER A 165 -11.61 -3.51 -28.35
C SER A 165 -10.84 -3.96 -29.59
N LEU A 166 -9.69 -3.33 -29.84
CA LEU A 166 -8.76 -3.65 -30.97
C LEU A 166 -7.76 -4.72 -30.50
N ARG A 167 -7.92 -5.25 -29.29
CA ARG A 167 -7.10 -6.37 -28.75
C ARG A 167 -8.02 -7.37 -28.04
N PRO A 168 -7.83 -8.68 -28.27
CA PRO A 168 -8.51 -9.70 -27.50
C PRO A 168 -7.84 -9.81 -26.13
N LEU A 169 -8.57 -10.30 -25.12
CA LEU A 169 -8.02 -10.60 -23.78
C LEU A 169 -7.12 -11.85 -23.90
N PRO A 170 -5.91 -11.89 -23.30
CA PRO A 170 -5.17 -13.15 -23.22
C PRO A 170 -6.00 -14.12 -22.36
N VAL A 171 -6.17 -15.37 -22.79
CA VAL A 171 -7.17 -16.31 -22.18
C VAL A 171 -6.97 -16.31 -20.65
N MET A 176 -0.79 -15.70 -17.24
CA MET A 176 -0.02 -14.44 -17.39
C MET A 176 1.17 -14.45 -16.42
N SER A 177 2.39 -14.28 -16.95
CA SER A 177 3.65 -14.13 -16.16
C SER A 177 3.48 -12.98 -15.17
N GLU A 178 4.08 -13.09 -13.98
CA GLU A 178 4.01 -12.07 -12.89
C GLU A 178 4.38 -10.68 -13.42
N GLU A 179 5.31 -10.62 -14.37
CA GLU A 179 5.92 -9.36 -14.89
C GLU A 179 5.25 -8.92 -16.20
N SER A 180 4.19 -9.61 -16.65
CA SER A 180 3.27 -9.14 -17.73
C SER A 180 1.88 -8.85 -17.14
N ARG A 181 1.64 -9.28 -15.91
CA ARG A 181 0.44 -8.93 -15.09
C ARG A 181 0.62 -7.51 -14.52
N VAL A 182 1.87 -7.15 -14.25
CA VAL A 182 2.27 -5.90 -13.54
C VAL A 182 2.51 -4.81 -14.58
N ARG A 183 3.07 -5.18 -15.74
CA ARG A 183 3.30 -4.27 -16.89
C ARG A 183 1.98 -4.00 -17.64
N GLN A 184 0.93 -4.77 -17.37
CA GLN A 184 -0.42 -4.61 -17.97
C GLN A 184 -1.49 -4.91 -16.89
N ARG A 185 -1.60 -4.04 -15.88
CA ARG A 185 -2.51 -4.24 -14.72
C ARG A 185 -3.95 -4.12 -15.20
N TYR A 186 -4.16 -3.25 -16.18
CA TYR A 186 -5.50 -3.03 -16.78
C TYR A 186 -6.06 -4.37 -17.30
N VAL A 187 -5.24 -5.24 -17.90
CA VAL A 187 -5.68 -6.57 -18.43
C VAL A 187 -5.75 -7.56 -17.26
N ASP A 188 -4.72 -7.54 -16.41
CA ASP A 188 -4.73 -8.33 -15.13
C ASP A 188 -6.10 -8.14 -14.50
N LEU A 189 -6.50 -6.88 -14.33
CA LEU A 189 -7.72 -6.46 -13.59
C LEU A 189 -8.96 -6.97 -14.32
N ILE A 190 -8.93 -6.99 -15.64
CA ILE A 190 -10.06 -7.52 -16.48
C ILE A 190 -10.17 -9.03 -16.28
N VAL A 191 -9.04 -9.75 -16.27
CA VAL A 191 -8.99 -11.22 -16.56
C VAL A 191 -8.73 -12.05 -15.28
N ARG A 192 -8.36 -11.42 -14.15
CA ARG A 192 -7.93 -12.10 -12.90
C ARG A 192 -8.68 -11.55 -11.69
N PRO A 193 -9.71 -12.26 -11.19
CA PRO A 193 -10.56 -11.79 -10.10
C PRO A 193 -9.80 -11.43 -8.81
N GLU A 194 -8.61 -12.00 -8.64
CA GLU A 194 -7.69 -11.77 -7.48
C GLU A 194 -7.12 -10.35 -7.58
N ALA A 195 -6.71 -9.94 -8.78
CA ALA A 195 -6.16 -8.60 -9.07
C ALA A 195 -7.20 -7.54 -8.65
N ARG A 196 -8.46 -7.82 -8.96
CA ARG A 196 -9.62 -6.94 -8.68
C ARG A 196 -9.84 -6.83 -7.18
N ALA A 197 -9.57 -7.91 -6.45
CA ALA A 197 -9.75 -8.02 -4.98
C ALA A 197 -8.57 -7.31 -4.31
N VAL A 198 -7.36 -7.59 -4.78
CA VAL A 198 -6.10 -7.00 -4.25
C VAL A 198 -6.15 -5.48 -4.38
N ALA A 199 -6.56 -4.98 -5.55
CA ALA A 199 -6.65 -3.51 -5.81
C ALA A 199 -7.59 -2.87 -4.78
N ARG A 200 -8.75 -3.48 -4.56
CA ARG A 200 -9.85 -2.92 -3.74
C ARG A 200 -9.52 -3.09 -2.25
N LEU A 201 -8.57 -3.98 -1.94
CA LEU A 201 -8.12 -4.19 -0.55
C LEU A 201 -7.22 -3.03 -0.14
N ARG A 202 -6.12 -2.82 -0.88
CA ARG A 202 -5.22 -1.68 -0.62
C ARG A 202 -6.08 -0.43 -0.43
N ILE A 203 -7.12 -0.27 -1.26
CA ILE A 203 -8.00 0.93 -1.23
C ILE A 203 -8.71 1.00 0.12
N ALA A 204 -9.21 -0.16 0.56
CA ALA A 204 -9.99 -0.35 1.81
C ALA A 204 -9.06 -0.24 3.01
N VAL A 205 -7.87 -0.85 2.91
CA VAL A 205 -6.79 -0.72 3.93
C VAL A 205 -6.51 0.78 4.10
N VAL A 206 -6.14 1.48 3.02
CA VAL A 206 -5.71 2.91 3.06
C VAL A 206 -6.85 3.76 3.65
N ARG A 207 -8.10 3.40 3.32
CA ARG A 207 -9.30 4.17 3.77
C ARG A 207 -9.55 3.88 5.25
N ALA A 208 -9.36 2.63 5.67
CA ALA A 208 -9.43 2.21 7.09
C ALA A 208 -8.42 3.02 7.92
N ILE A 209 -7.22 3.22 7.38
CA ILE A 209 -6.09 3.92 8.05
C ILE A 209 -6.51 5.37 8.35
N ARG A 210 -6.99 6.07 7.33
CA ARG A 210 -7.39 7.51 7.45
C ARG A 210 -8.53 7.62 8.45
N THR A 211 -9.49 6.69 8.38
CA THR A 211 -10.67 6.59 9.27
C THR A 211 -10.20 6.39 10.71
N ALA A 212 -9.24 5.48 10.92
CA ALA A 212 -8.73 5.10 12.25
C ALA A 212 -7.99 6.28 12.88
N LEU A 213 -7.12 6.93 12.11
CA LEU A 213 -6.38 8.12 12.58
C LEU A 213 -7.36 9.28 12.80
N GLN A 214 -8.17 9.63 11.81
CA GLN A 214 -9.13 10.77 11.90
C GLN A 214 -9.97 10.65 13.19
N ARG A 215 -10.62 9.50 13.41
CA ARG A 215 -11.34 9.17 14.67
C ARG A 215 -10.52 9.67 15.88
N ARG A 216 -9.23 9.31 15.96
CA ARG A 216 -8.33 9.67 17.10
C ARG A 216 -7.99 11.17 17.10
N GLY A 217 -8.65 11.98 16.30
CA GLY A 217 -8.38 13.43 16.19
C GLY A 217 -6.99 13.75 15.62
N PHE A 218 -6.53 12.97 14.63
CA PHE A 218 -5.36 13.29 13.77
C PHE A 218 -5.84 14.11 12.57
N LEU A 219 -4.96 14.98 12.06
CA LEU A 219 -5.22 15.86 10.89
C LEU A 219 -4.22 15.50 9.79
N GLU A 220 -4.69 15.02 8.63
CA GLU A 220 -3.76 14.73 7.51
C GLU A 220 -3.29 16.09 6.97
N VAL A 221 -1.98 16.23 6.78
CA VAL A 221 -1.32 17.45 6.25
C VAL A 221 -0.60 17.07 4.95
N GLU A 222 -0.38 18.05 4.09
CA GLU A 222 0.43 17.91 2.85
C GLU A 222 1.75 18.68 3.04
N THR A 223 2.87 17.94 3.13
CA THR A 223 4.25 18.49 3.25
C THR A 223 5.00 18.31 1.94
N PRO A 224 6.05 19.12 1.66
CA PRO A 224 6.68 19.14 0.35
C PRO A 224 7.18 17.75 -0.05
N VAL A 225 7.06 17.45 -1.35
CA VAL A 225 7.65 16.23 -1.97
C VAL A 225 9.00 16.61 -2.56
N LEU A 226 9.10 17.79 -3.17
CA LEU A 226 10.40 18.40 -3.58
C LEU A 226 10.92 19.24 -2.42
N GLN A 227 12.12 18.91 -1.94
CA GLN A 227 12.79 19.53 -0.78
C GLN A 227 14.19 19.95 -1.24
N THR A 228 14.73 21.01 -0.64
CA THR A 228 16.08 21.55 -0.97
C THR A 228 17.13 20.54 -0.50
N LEU A 229 16.85 19.86 0.61
CA LEU A 229 17.53 18.59 0.99
C LEU A 229 16.47 17.67 1.62
N ALA A 230 16.57 16.36 1.38
CA ALA A 230 15.56 15.34 1.78
C ALA A 230 16.01 14.63 3.06
N GLY A 231 15.40 14.97 4.20
CA GLY A 231 15.69 14.36 5.51
C GLY A 231 14.54 13.49 6.02
N GLY A 232 14.71 12.91 7.21
CA GLY A 232 13.73 12.04 7.86
C GLY A 232 14.01 10.55 7.71
N ALA A 233 15.12 10.17 7.03
CA ALA A 233 15.51 8.75 6.81
C ALA A 233 16.92 8.60 6.24
N ALA A 234 17.48 7.39 6.39
CA ALA A 234 18.80 6.96 5.86
C ALA A 234 18.58 6.28 4.51
N ALA A 235 18.69 7.06 3.42
CA ALA A 235 18.44 6.61 2.03
C ALA A 235 19.02 7.63 1.05
N ARG A 236 19.41 7.20 -0.15
CA ARG A 236 19.89 8.11 -1.24
C ARG A 236 18.68 8.70 -1.94
N PRO A 237 18.60 10.04 -2.06
CA PRO A 237 17.43 10.68 -2.68
C PRO A 237 17.37 10.52 -4.20
N PHE A 238 16.21 10.81 -4.77
CA PHE A 238 16.03 11.18 -6.20
C PHE A 238 16.16 12.70 -6.32
N ALA A 239 17.11 13.15 -7.14
CA ALA A 239 17.40 14.57 -7.43
C ALA A 239 16.86 14.92 -8.83
N THR A 240 16.17 16.05 -8.90
CA THR A 240 15.55 16.59 -10.13
C THR A 240 15.95 18.06 -10.25
N HIS A 241 16.29 18.51 -11.46
CA HIS A 241 16.62 19.93 -11.72
C HIS A 241 15.30 20.68 -11.88
N SER A 242 15.14 21.75 -11.10
CA SER A 242 14.09 22.79 -11.28
C SER A 242 14.53 23.76 -12.39
N ASN A 243 13.62 24.06 -13.32
CA ASN A 243 13.81 25.10 -14.38
C ASN A 243 13.57 26.48 -13.75
N ALA A 244 12.47 26.60 -13.00
CA ALA A 244 12.12 27.78 -12.17
C ALA A 244 13.39 28.32 -11.48
N LEU A 245 13.93 27.58 -10.50
CA LEU A 245 14.97 28.05 -9.56
C LEU A 245 16.37 27.81 -10.13
N ASP A 246 16.48 26.99 -11.17
CA ASP A 246 17.77 26.54 -11.73
C ASP A 246 18.64 26.04 -10.57
N ILE A 247 18.17 24.99 -9.90
CA ILE A 247 18.92 24.21 -8.88
C ILE A 247 18.36 22.79 -8.90
N ASP A 248 19.12 21.82 -8.38
CA ASP A 248 18.57 20.47 -8.07
C ASP A 248 17.64 20.62 -6.86
N LEU A 249 16.58 19.83 -6.84
CA LEU A 249 15.70 19.61 -5.67
C LEU A 249 15.68 18.11 -5.40
N TYR A 250 15.16 17.71 -4.24
CA TYR A 250 15.24 16.31 -3.77
C TYR A 250 13.84 15.83 -3.42
N LEU A 251 13.42 14.75 -4.09
CA LEU A 251 12.14 14.05 -3.82
C LEU A 251 12.18 13.48 -2.42
N ARG A 252 11.24 13.89 -1.56
CA ARG A 252 11.28 13.54 -0.13
C ARG A 252 11.60 12.04 0.00
N ILE A 253 12.47 11.72 0.95
CA ILE A 253 12.69 10.34 1.48
C ILE A 253 11.68 10.12 2.62
N ALA A 254 11.27 11.19 3.30
CA ALA A 254 10.34 11.11 4.44
C ALA A 254 9.79 12.48 4.82
N PRO A 255 8.51 12.54 5.25
CA PRO A 255 7.90 13.79 5.72
C PRO A 255 8.35 14.24 7.11
N GLU A 256 9.15 13.41 7.79
CA GLU A 256 9.38 13.46 9.26
C GLU A 256 9.74 14.89 9.66
N LEU A 257 10.77 15.48 9.04
CA LEU A 257 11.31 16.80 9.44
C LEU A 257 10.23 17.86 9.27
N PHE A 258 9.44 17.77 8.20
CA PHE A 258 8.34 18.72 7.91
C PHE A 258 7.22 18.49 8.91
N LEU A 259 6.82 17.23 9.07
CA LEU A 259 5.80 16.88 10.08
C LEU A 259 6.25 17.43 11.43
N LYS A 260 7.55 17.43 11.72
CA LYS A 260 8.08 17.91 13.03
C LYS A 260 7.92 19.42 13.10
N ARG A 261 8.12 20.13 12.01
CA ARG A 261 7.89 21.60 11.92
C ARG A 261 6.43 21.90 12.28
N CYS A 262 5.49 21.03 11.88
CA CYS A 262 4.02 21.17 12.16
C CYS A 262 3.79 21.18 13.67
N ILE A 263 4.43 20.24 14.37
CA ILE A 263 4.30 20.03 15.84
C ILE A 263 4.84 21.28 16.55
N VAL A 264 6.00 21.78 16.09
CA VAL A 264 6.51 23.11 16.53
C VAL A 264 5.40 24.12 16.25
N GLY A 265 4.85 24.08 15.03
CA GLY A 265 3.78 24.97 14.53
C GLY A 265 2.51 24.97 15.38
N GLY A 266 2.31 23.95 16.21
CA GLY A 266 1.18 23.90 17.17
C GLY A 266 0.22 22.76 16.89
N PHE A 267 0.51 21.93 15.90
CA PHE A 267 -0.33 20.74 15.63
C PHE A 267 -0.25 19.83 16.86
N ASP A 268 -1.42 19.40 17.32
CA ASP A 268 -1.59 18.40 18.40
C ASP A 268 -1.23 17.02 17.85
N LYS A 269 -1.86 16.62 16.73
CA LYS A 269 -1.79 15.24 16.16
C LYS A 269 -1.85 15.31 14.64
N VAL A 270 -0.78 14.93 13.95
CA VAL A 270 -0.71 15.04 12.48
C VAL A 270 -0.33 13.68 11.90
N PHE A 271 -0.77 13.41 10.67
CA PHE A 271 -0.21 12.34 9.84
C PHE A 271 -0.11 12.80 8.40
N GLU A 272 0.59 11.99 7.63
CA GLU A 272 0.69 12.11 6.16
C GLU A 272 0.73 10.68 5.64
N LEU A 273 -0.16 10.35 4.69
CA LEU A 273 -0.23 9.01 4.04
C LEU A 273 -0.04 9.21 2.54
N ASN A 274 1.13 8.83 2.02
CA ASN A 274 1.63 9.34 0.72
C ASN A 274 3.02 8.82 0.38
N ARG A 275 3.33 8.76 -0.92
CA ARG A 275 4.59 8.20 -1.50
C ARG A 275 5.82 8.89 -0.89
N VAL A 276 6.88 8.11 -0.71
CA VAL A 276 8.26 8.59 -0.44
C VAL A 276 9.18 7.94 -1.48
N PHE A 277 10.37 8.51 -1.65
CA PHE A 277 11.26 8.19 -2.79
C PHE A 277 12.65 7.93 -2.26
N ARG A 278 13.09 6.68 -2.39
CA ARG A 278 14.34 6.13 -1.81
C ARG A 278 15.13 5.50 -2.96
N ASN A 279 16.04 6.29 -3.55
CA ASN A 279 16.80 5.95 -4.77
C ASN A 279 17.76 4.81 -4.43
N GLU A 280 17.21 3.63 -4.19
CA GLU A 280 17.96 2.40 -3.83
C GLU A 280 17.35 1.22 -4.59
N GLY A 281 17.88 0.01 -4.36
CA GLY A 281 17.49 -1.20 -5.10
C GLY A 281 16.18 -1.78 -4.59
N ALA A 282 15.30 -2.16 -5.52
CA ALA A 282 14.02 -2.85 -5.24
C ALA A 282 14.28 -4.31 -4.87
N ASP A 283 13.60 -4.79 -3.83
CA ASP A 283 13.56 -6.24 -3.48
C ASP A 283 12.20 -6.56 -2.87
N SER A 284 12.03 -7.82 -2.47
CA SER A 284 10.74 -8.42 -2.05
C SER A 284 10.06 -7.55 -0.99
N THR A 285 10.80 -6.78 -0.18
CA THR A 285 10.21 -5.83 0.83
C THR A 285 10.53 -4.36 0.52
N HIS A 286 11.32 -4.06 -0.53
CA HIS A 286 11.79 -2.68 -0.85
C HIS A 286 11.39 -2.30 -2.29
N SER A 287 10.91 -1.07 -2.49
CA SER A 287 10.67 -0.44 -3.82
C SER A 287 10.96 1.06 -3.74
N PRO A 288 11.60 1.67 -4.77
CA PRO A 288 12.16 3.01 -4.62
C PRO A 288 11.08 4.09 -4.41
N GLU A 289 9.92 3.84 -5.02
CA GLU A 289 8.67 4.58 -4.71
C GLU A 289 7.77 3.65 -3.90
N PHE A 290 7.33 4.08 -2.73
CA PHE A 290 6.36 3.33 -1.89
C PHE A 290 5.53 4.30 -1.05
N SER A 291 4.28 3.90 -0.84
CA SER A 291 3.30 4.58 0.03
C SER A 291 3.65 4.28 1.48
N MET A 292 3.67 5.33 2.31
CA MET A 292 4.11 5.30 3.72
C MET A 292 3.11 6.07 4.56
N LEU A 293 2.89 5.62 5.80
CA LEU A 293 2.20 6.42 6.82
C LEU A 293 3.24 6.94 7.82
N GLU A 294 3.13 8.21 8.18
CA GLU A 294 3.88 8.79 9.31
C GLU A 294 2.89 9.57 10.16
N THR A 295 3.15 9.60 11.46
CA THR A 295 2.18 9.97 12.51
C THR A 295 2.95 10.68 13.62
N TYR A 296 2.41 11.76 14.19
CA TYR A 296 3.07 12.51 15.29
C TYR A 296 2.02 13.05 16.26
N GLN A 297 2.21 12.65 17.51
CA GLN A 297 1.30 12.90 18.65
C GLN A 297 2.12 13.62 19.73
N THR A 298 1.62 14.76 20.19
CA THR A 298 2.24 15.55 21.27
C THR A 298 1.85 14.92 22.62
N TYR A 299 2.78 14.93 23.57
CA TYR A 299 2.55 14.48 24.97
C TYR A 299 2.31 12.98 24.95
N GLY A 300 3.18 12.27 24.23
CA GLY A 300 3.25 10.80 24.18
C GLY A 300 4.68 10.36 23.97
N THR A 301 4.96 9.10 24.29
CA THR A 301 6.27 8.45 24.11
C THR A 301 6.10 7.23 23.20
N TYR A 302 7.20 6.58 22.85
CA TYR A 302 7.21 5.37 21.99
C TYR A 302 6.29 4.30 22.60
N ASP A 303 6.19 4.23 23.93
CA ASP A 303 5.24 3.34 24.65
C ASP A 303 3.80 3.71 24.27
N ASP A 304 3.52 5.00 24.06
CA ASP A 304 2.17 5.46 23.66
C ASP A 304 1.90 5.05 22.20
N SER A 305 2.86 5.31 21.31
CA SER A 305 2.71 5.11 19.85
C SER A 305 2.73 3.62 19.49
N ALA A 306 3.21 2.76 20.40
CA ALA A 306 3.24 1.29 20.19
C ALA A 306 1.80 0.76 20.24
N VAL A 307 1.07 1.23 21.26
CA VAL A 307 -0.35 0.89 21.51
C VAL A 307 -1.12 1.25 20.25
N VAL A 308 -1.08 2.52 19.87
CA VAL A 308 -1.85 3.09 18.71
C VAL A 308 -1.52 2.27 17.47
N THR A 309 -0.23 1.98 17.24
CA THR A 309 0.23 1.25 16.04
C THR A 309 -0.49 -0.09 16.02
N ARG A 310 -0.50 -0.81 17.15
CA ARG A 310 -1.23 -2.09 17.26
C ARG A 310 -2.69 -1.81 16.92
N GLU A 311 -3.34 -0.94 17.68
CA GLU A 311 -4.81 -0.69 17.59
C GLU A 311 -5.14 -0.39 16.13
N LEU A 312 -4.41 0.55 15.52
CA LEU A 312 -4.49 0.89 14.08
C LEU A 312 -4.46 -0.37 13.22
N ILE A 313 -3.40 -1.18 13.28
CA ILE A 313 -3.25 -2.35 12.38
C ILE A 313 -4.45 -3.28 12.58
N GLN A 314 -4.81 -3.55 13.84
CA GLN A 314 -5.92 -4.48 14.21
C GLN A 314 -7.25 -3.92 13.69
N GLU A 315 -7.37 -2.59 13.65
CA GLU A 315 -8.58 -1.88 13.16
C GLU A 315 -8.64 -2.03 11.63
N VAL A 316 -7.48 -2.06 10.99
CA VAL A 316 -7.37 -2.16 9.50
C VAL A 316 -7.68 -3.59 9.06
N ALA A 317 -7.14 -4.59 9.76
CA ALA A 317 -7.46 -6.01 9.54
C ALA A 317 -8.98 -6.18 9.55
N ASP A 318 -9.60 -5.76 10.66
CA ASP A 318 -11.06 -5.68 10.85
C ASP A 318 -11.72 -5.09 9.60
N GLU A 319 -11.60 -3.77 9.40
CA GLU A 319 -12.40 -3.00 8.41
C GLU A 319 -12.13 -3.52 6.99
N ALA A 320 -10.90 -3.93 6.68
CA ALA A 320 -10.47 -4.28 5.31
C ALA A 320 -10.60 -5.79 5.05
N ILE A 321 -10.32 -6.64 6.04
CA ILE A 321 -10.13 -8.11 5.85
C ILE A 321 -11.21 -8.89 6.64
N GLY A 322 -11.74 -8.31 7.72
CA GLY A 322 -12.91 -8.84 8.44
C GLY A 322 -12.54 -9.97 9.38
N THR A 323 -11.26 -10.08 9.74
CA THR A 323 -10.73 -11.11 10.65
C THR A 323 -9.27 -10.82 11.00
N ARG A 324 -8.89 -11.11 12.25
CA ARG A 324 -7.50 -11.01 12.78
C ARG A 324 -6.80 -12.36 12.63
N GLN A 325 -7.55 -13.38 12.20
CA GLN A 325 -7.03 -14.72 11.88
C GLN A 325 -6.73 -14.73 10.38
N LEU A 326 -5.64 -14.04 10.00
CA LEU A 326 -5.28 -13.75 8.60
C LEU A 326 -4.96 -15.05 7.85
N PRO A 327 -5.83 -15.52 6.94
CA PRO A 327 -5.52 -16.68 6.11
C PRO A 327 -4.42 -16.26 5.14
N LEU A 328 -3.44 -17.13 4.91
CA LEU A 328 -2.28 -16.86 4.01
C LEU A 328 -2.37 -17.82 2.83
N PRO A 329 -1.62 -17.60 1.70
CA PRO A 329 -1.58 -18.57 0.61
C PRO A 329 -0.74 -19.81 0.95
N ASP A 330 -0.21 -19.86 2.17
CA ASP A 330 0.66 -20.96 2.68
C ASP A 330 -0.22 -22.03 3.31
N GLY A 331 -1.54 -21.96 3.10
CA GLY A 331 -2.54 -22.84 3.75
C GLY A 331 -2.70 -22.57 5.24
N SER A 332 -1.96 -21.59 5.79
CA SER A 332 -1.88 -21.30 7.25
C SER A 332 -2.74 -20.09 7.59
N VAL A 333 -2.93 -19.82 8.88
CA VAL A 333 -3.67 -18.64 9.42
C VAL A 333 -2.75 -17.93 10.42
N TYR A 334 -2.48 -16.64 10.22
CA TYR A 334 -1.61 -15.82 11.10
C TYR A 334 -2.45 -14.98 12.07
N ASP A 335 -2.54 -15.37 13.34
CA ASP A 335 -3.25 -14.57 14.39
C ASP A 335 -2.45 -13.29 14.69
N ILE A 336 -3.15 -12.15 14.71
CA ILE A 336 -2.59 -10.80 15.05
C ILE A 336 -3.50 -10.17 16.11
N ASP A 337 -4.41 -10.99 16.63
CA ASP A 337 -5.42 -10.58 17.66
C ASP A 337 -4.67 -10.47 19.00
N GLY A 338 -5.30 -9.87 20.00
CA GLY A 338 -4.74 -9.75 21.35
C GLY A 338 -3.45 -8.96 21.36
N GLU A 339 -2.76 -8.99 22.51
CA GLU A 339 -1.61 -8.12 22.82
C GLU A 339 -0.38 -8.71 22.11
N TRP A 340 0.64 -7.85 21.94
CA TRP A 340 1.87 -8.15 21.16
C TRP A 340 3.12 -7.96 22.05
N ALA A 341 4.08 -8.89 21.89
CA ALA A 341 5.24 -9.05 22.79
C ALA A 341 6.26 -7.93 22.50
N THR A 342 6.62 -7.18 23.54
CA THR A 342 7.72 -6.19 23.49
C THR A 342 8.96 -6.90 24.04
N ILE A 343 10.10 -6.71 23.36
CA ILE A 343 11.43 -7.19 23.80
C ILE A 343 12.40 -6.04 23.63
N GLN A 344 13.43 -5.94 24.46
CA GLN A 344 14.52 -4.94 24.29
C GLN A 344 15.58 -5.58 23.39
N MET A 345 16.22 -4.78 22.54
CA MET A 345 17.15 -5.28 21.49
C MET A 345 18.35 -5.93 22.17
N TYR A 346 19.02 -5.18 23.06
CA TYR A 346 20.21 -5.59 23.82
C TYR A 346 19.91 -6.87 24.59
N PRO A 347 19.01 -6.85 25.59
CA PRO A 347 18.69 -8.05 26.34
C PRO A 347 18.47 -9.26 25.39
N SER A 348 17.47 -9.17 24.49
CA SER A 348 17.08 -10.24 23.53
C SER A 348 18.30 -10.71 22.74
N LEU A 349 19.13 -9.76 22.31
CA LEU A 349 20.37 -10.08 21.56
C LEU A 349 21.27 -10.92 22.46
N SER A 350 21.40 -10.51 23.73
CA SER A 350 22.24 -11.16 24.77
C SER A 350 21.82 -12.63 24.92
N VAL A 351 20.57 -12.86 25.31
CA VAL A 351 19.98 -14.22 25.48
C VAL A 351 20.29 -15.10 24.25
N ALA A 352 20.21 -14.51 23.05
CA ALA A 352 20.41 -15.25 21.78
C ALA A 352 21.88 -15.65 21.61
N LEU A 353 22.79 -14.76 22.03
CA LEU A 353 24.26 -14.92 21.91
C LEU A 353 24.82 -15.67 23.12
N GLY A 354 24.08 -15.70 24.23
CA GLY A 354 24.55 -16.27 25.50
C GLY A 354 25.69 -15.46 26.11
N GLU A 355 25.62 -14.12 26.05
CA GLU A 355 26.48 -13.22 26.87
C GLU A 355 25.83 -11.83 26.96
N GLU A 356 26.30 -11.00 27.89
CA GLU A 356 25.77 -9.63 28.10
C GLU A 356 26.35 -8.73 27.01
N ILE A 357 25.48 -8.25 26.11
CA ILE A 357 25.76 -7.13 25.16
C ILE A 357 25.04 -5.89 25.69
N THR A 358 25.77 -4.80 25.98
CA THR A 358 25.19 -3.51 26.44
C THR A 358 25.60 -2.41 25.46
N PRO A 359 25.12 -1.16 25.62
CA PRO A 359 25.72 -0.03 24.90
C PRO A 359 27.26 -0.06 24.97
N GLN A 360 27.83 -0.51 26.10
CA GLN A 360 29.29 -0.44 26.44
C GLN A 360 30.11 -1.50 25.67
N THR A 361 29.50 -2.62 25.28
CA THR A 361 30.11 -3.69 24.44
C THR A 361 30.86 -3.06 23.27
N THR A 362 32.16 -3.34 23.12
CA THR A 362 33.03 -2.74 22.07
C THR A 362 32.61 -3.27 20.69
N VAL A 363 33.01 -2.60 19.61
CA VAL A 363 32.73 -3.08 18.21
C VAL A 363 33.69 -4.23 17.94
N ASP A 364 34.86 -4.19 18.55
CA ASP A 364 35.88 -5.26 18.43
C ASP A 364 35.22 -6.57 18.91
N ARG A 365 34.57 -6.51 20.07
CA ARG A 365 33.83 -7.68 20.61
C ARG A 365 32.80 -8.12 19.57
N LEU A 366 31.92 -7.19 19.17
CA LEU A 366 30.70 -7.48 18.35
C LEU A 366 31.13 -8.06 17.01
N ARG A 367 32.04 -7.37 16.33
CA ARG A 367 32.77 -7.88 15.15
C ARG A 367 33.02 -9.38 15.35
N GLY A 368 33.80 -9.73 16.38
CA GLY A 368 34.20 -11.11 16.69
C GLY A 368 33.01 -12.05 16.68
N ILE A 369 31.95 -11.67 17.40
CA ILE A 369 30.71 -12.50 17.54
C ILE A 369 30.10 -12.67 16.15
N ALA A 370 30.12 -11.60 15.34
CA ALA A 370 29.55 -11.55 13.98
C ALA A 370 30.33 -12.50 13.07
N ASP A 371 31.65 -12.54 13.27
CA ASP A 371 32.58 -13.46 12.56
C ASP A 371 32.24 -14.91 12.95
N SER A 372 32.21 -15.19 14.25
CA SER A 372 31.93 -16.54 14.82
C SER A 372 30.63 -17.12 14.22
N LEU A 373 29.69 -16.27 13.79
CA LEU A 373 28.35 -16.70 13.27
C LEU A 373 28.40 -16.94 11.76
N GLY A 374 29.02 -16.02 11.01
CA GLY A 374 29.09 -16.06 9.54
C GLY A 374 28.17 -15.03 8.91
N PHE A 387 30.17 -1.66 10.21
CA PHE A 387 31.12 -0.58 10.56
C PHE A 387 31.10 -0.37 12.08
N GLY A 388 29.98 0.17 12.60
CA GLY A 388 29.86 0.78 13.94
C GLY A 388 28.99 -0.04 14.87
N HIS A 389 29.06 0.24 16.17
CA HIS A 389 28.38 -0.50 17.27
C HIS A 389 26.90 -0.64 16.92
N GLY A 390 26.20 0.49 16.85
CA GLY A 390 24.75 0.53 16.57
C GLY A 390 24.40 -0.42 15.44
N LYS A 391 25.18 -0.37 14.35
CA LYS A 391 24.96 -1.14 13.10
C LYS A 391 25.14 -2.63 13.36
N LEU A 392 26.15 -2.96 14.16
CA LEU A 392 26.52 -4.36 14.48
C LEU A 392 25.44 -4.98 15.36
N ILE A 393 25.00 -4.23 16.37
CA ILE A 393 23.89 -4.62 17.30
C ILE A 393 22.67 -4.99 16.43
N GLU A 394 22.21 -4.05 15.60
CA GLU A 394 20.97 -4.17 14.77
C GLU A 394 21.07 -5.41 13.89
N GLU A 395 22.22 -5.56 13.25
CA GLU A 395 22.55 -6.63 12.27
C GLU A 395 22.55 -8.00 12.95
N LEU A 396 23.29 -8.11 14.06
CA LEU A 396 23.31 -9.32 14.93
C LEU A 396 21.88 -9.64 15.36
N TRP A 397 21.18 -8.64 15.88
CA TRP A 397 19.81 -8.82 16.43
C TRP A 397 18.88 -9.37 15.34
N GLU A 398 18.93 -8.76 14.16
CA GLU A 398 18.16 -9.19 12.96
C GLU A 398 18.60 -10.62 12.60
N ARG A 399 19.91 -10.83 12.49
CA ARG A 399 20.53 -12.11 12.02
C ARG A 399 20.30 -13.23 13.05
N THR A 400 19.88 -12.91 14.28
CA THR A 400 19.61 -13.90 15.37
C THR A 400 18.13 -13.86 15.73
N VAL A 401 17.73 -12.98 16.66
CA VAL A 401 16.34 -12.95 17.21
C VAL A 401 15.38 -12.61 16.06
N GLY A 402 15.66 -11.53 15.32
CA GLY A 402 14.75 -11.06 14.25
C GLY A 402 14.16 -12.22 13.47
N LYS A 403 15.00 -12.98 12.75
CA LYS A 403 14.54 -14.04 11.82
C LYS A 403 13.72 -15.11 12.56
N SER A 404 13.98 -15.29 13.85
CA SER A 404 13.29 -16.32 14.68
C SER A 404 11.82 -15.93 14.92
N LEU A 405 11.50 -14.64 14.98
CA LEU A 405 10.17 -14.13 15.42
C LEU A 405 9.08 -14.59 14.44
N SER A 406 8.04 -15.24 14.97
CA SER A 406 6.80 -15.60 14.24
C SER A 406 5.69 -14.62 14.64
N ALA A 407 5.37 -14.54 15.93
CA ALA A 407 4.27 -13.70 16.47
C ALA A 407 4.57 -12.22 16.24
N PRO A 408 3.54 -11.34 16.16
CA PRO A 408 3.77 -9.90 16.06
C PRO A 408 4.55 -9.43 17.29
N THR A 409 5.64 -8.71 17.04
CA THR A 409 6.63 -8.35 18.09
C THR A 409 7.14 -6.94 17.88
N PHE A 410 7.04 -6.12 18.94
CA PHE A 410 7.80 -4.86 19.12
C PHE A 410 9.16 -5.16 19.74
N VAL A 411 10.23 -4.70 19.10
CA VAL A 411 11.61 -4.63 19.69
C VAL A 411 11.89 -3.16 19.96
N LYS A 412 12.33 -2.82 21.17
CA LYS A 412 12.52 -1.39 21.54
C LYS A 412 13.86 -1.18 22.22
N ASP A 413 14.24 0.08 22.38
CA ASP A 413 15.46 0.50 23.08
C ASP A 413 16.62 0.20 22.14
N PHE A 414 16.94 1.19 21.30
CA PHE A 414 17.80 1.03 20.11
C PHE A 414 19.14 1.74 20.33
N PRO A 415 20.20 1.23 19.68
CA PRO A 415 21.50 1.88 19.72
C PRO A 415 21.37 3.33 19.24
N VAL A 416 21.69 4.27 20.14
CA VAL A 416 21.71 5.75 19.92
C VAL A 416 22.46 6.11 18.63
N GLN A 417 23.43 5.29 18.16
CA GLN A 417 24.14 5.56 16.89
C GLN A 417 23.13 5.60 15.73
N THR A 418 22.47 4.46 15.47
CA THR A 418 21.61 4.19 14.28
C THR A 418 20.22 4.85 14.42
N THR A 419 20.06 5.81 15.33
CA THR A 419 18.74 6.42 15.69
C THR A 419 18.93 7.91 15.97
N PRO A 420 19.47 8.68 14.99
CA PRO A 420 19.80 10.10 15.22
C PRO A 420 18.65 11.02 15.67
N LEU A 421 17.41 10.73 15.24
CA LEU A 421 16.23 11.63 15.40
C LEU A 421 15.45 11.26 16.66
N THR A 422 15.79 10.11 17.22
CA THR A 422 15.11 9.53 18.40
C THR A 422 15.76 10.00 19.69
N ARG A 423 14.94 10.50 20.61
CA ARG A 423 15.37 10.89 21.98
C ARG A 423 16.12 9.74 22.64
N GLN A 424 17.19 10.06 23.39
CA GLN A 424 17.93 9.10 24.26
C GLN A 424 16.93 8.56 25.30
N HIS A 425 17.16 7.34 25.80
CA HIS A 425 16.22 6.63 26.71
C HIS A 425 16.13 7.39 28.04
N ARG A 426 14.96 7.39 28.67
CA ARG A 426 14.65 8.23 29.86
C ARG A 426 15.53 7.82 31.04
N SER A 427 15.75 6.52 31.21
CA SER A 427 16.58 5.90 32.29
C SER A 427 17.84 5.27 31.70
N ILE A 428 17.66 4.28 30.80
CA ILE A 428 18.77 3.43 30.26
C ILE A 428 19.75 4.30 29.50
N PRO A 429 21.03 4.43 29.96
CA PRO A 429 22.06 5.10 29.17
C PRO A 429 22.38 4.30 27.90
N GLY A 430 22.75 5.01 26.83
CA GLY A 430 23.28 4.44 25.58
C GLY A 430 22.21 4.12 24.54
N VAL A 431 20.94 3.99 24.94
CA VAL A 431 19.84 3.56 24.02
C VAL A 431 18.83 4.69 23.83
N THR A 432 18.17 4.69 22.67
CA THR A 432 17.10 5.64 22.31
C THR A 432 15.74 4.95 22.43
N GLU A 433 14.74 5.74 22.80
CA GLU A 433 13.32 5.34 22.84
C GLU A 433 12.79 5.23 21.41
N LYS A 434 13.29 4.25 20.65
CA LYS A 434 12.70 3.84 19.36
C LYS A 434 12.12 2.44 19.55
N TRP A 435 11.08 2.07 18.81
CA TRP A 435 10.75 0.64 18.57
C TRP A 435 10.72 0.33 17.06
N ASP A 436 10.77 -0.96 16.76
CA ASP A 436 10.39 -1.54 15.44
C ASP A 436 9.28 -2.56 15.73
N LEU A 437 8.27 -2.60 14.87
CA LEU A 437 7.22 -3.65 14.91
C LEU A 437 7.51 -4.66 13.79
N TYR A 438 7.69 -5.92 14.16
CA TYR A 438 7.79 -7.06 13.23
C TYR A 438 6.47 -7.80 13.29
N LEU A 439 5.79 -7.84 12.15
CA LEU A 439 4.52 -8.58 11.96
C LEU A 439 4.77 -9.64 10.89
N ARG A 440 4.54 -10.91 11.23
CA ARG A 440 4.70 -12.05 10.29
C ARG A 440 6.08 -11.94 9.63
N GLY A 441 7.09 -11.58 10.43
CA GLY A 441 8.51 -11.57 10.03
C GLY A 441 8.86 -10.46 9.07
N ILE A 442 8.04 -9.41 8.98
CA ILE A 442 8.29 -8.25 8.07
C ILE A 442 8.52 -7.02 8.93
N GLU A 443 9.59 -6.27 8.64
CA GLU A 443 9.86 -4.98 9.32
C GLU A 443 8.75 -4.00 8.89
N LEU A 444 7.73 -3.82 9.73
CA LEU A 444 6.45 -3.19 9.32
C LEU A 444 6.46 -1.70 9.60
N ALA A 445 6.96 -1.29 10.76
CA ALA A 445 6.61 0.00 11.39
C ALA A 445 7.53 0.31 12.57
N THR A 446 8.00 1.55 12.64
CA THR A 446 8.88 2.07 13.70
C THR A 446 8.13 3.16 14.48
N GLY A 447 8.45 3.37 15.75
CA GLY A 447 7.88 4.45 16.58
C GLY A 447 8.92 5.00 17.54
N TYR A 448 9.07 6.32 17.59
CA TYR A 448 10.07 7.00 18.45
C TYR A 448 9.36 7.83 19.51
N SER A 449 9.98 7.99 20.68
CA SER A 449 9.90 9.23 21.51
C SER A 449 10.80 10.25 20.82
N GLU A 450 10.27 11.40 20.37
CA GLU A 450 10.96 12.22 19.34
C GLU A 450 11.99 13.13 20.01
N LEU A 451 13.17 13.27 19.40
CA LEU A 451 14.27 14.16 19.91
C LEU A 451 13.92 15.63 19.62
N SER A 452 13.58 16.35 20.69
CA SER A 452 13.21 17.80 20.72
C SER A 452 14.37 18.67 21.27
N ASP A 453 15.56 18.09 21.43
CA ASP A 453 16.77 18.83 21.87
C ASP A 453 17.58 19.21 20.63
N PRO A 454 17.58 20.51 20.26
CA PRO A 454 18.22 20.96 19.02
C PRO A 454 19.75 20.80 19.03
N VAL A 455 20.36 21.00 20.21
CA VAL A 455 21.84 20.95 20.44
C VAL A 455 22.32 19.50 20.27
N VAL A 456 21.66 18.58 21.00
CA VAL A 456 21.82 17.11 20.80
C VAL A 456 21.54 16.81 19.32
N GLN A 457 20.40 17.27 18.80
CA GLN A 457 19.98 16.95 17.41
C GLN A 457 21.09 17.40 16.48
N ARG A 458 21.59 18.62 16.70
CA ARG A 458 22.71 19.19 15.91
C ARG A 458 23.89 18.20 15.93
N GLU A 459 24.27 17.71 17.11
CA GLU A 459 25.36 16.70 17.27
C GLU A 459 25.05 15.45 16.42
N ARG A 460 23.89 14.82 16.64
CA ARG A 460 23.51 13.54 15.97
C ARG A 460 23.80 13.68 14.46
N PHE A 461 23.36 14.80 13.88
CA PHE A 461 23.55 15.14 12.44
C PHE A 461 25.04 15.36 12.16
N ALA A 462 25.73 16.09 13.05
CA ALA A 462 27.19 16.34 12.96
C ALA A 462 27.89 15.00 12.79
N ASP A 463 27.68 14.08 13.74
CA ASP A 463 28.18 12.68 13.64
C ASP A 463 27.82 12.08 12.28
N GLN A 464 26.56 12.20 11.88
CA GLN A 464 26.05 11.64 10.59
C GLN A 464 26.92 12.18 9.45
N ALA A 465 26.98 13.50 9.31
CA ALA A 465 27.72 14.22 8.24
C ALA A 465 29.18 13.75 8.22
N ARG A 466 29.87 13.81 9.37
CA ARG A 466 31.29 13.41 9.55
C ARG A 466 31.52 12.06 8.85
N ALA A 467 30.51 11.18 8.86
CA ALA A 467 30.45 9.92 8.09
C ALA A 467 29.69 10.17 6.78
N ALA A 476 30.14 20.14 5.23
CA ALA A 476 29.26 19.18 5.93
C ALA A 476 27.97 19.89 6.35
N VAL A 477 27.13 20.22 5.37
CA VAL A 477 25.91 21.07 5.52
C VAL A 477 24.79 20.27 6.21
N LEU A 478 24.24 20.81 7.30
CA LEU A 478 23.11 20.23 8.08
C LEU A 478 21.78 20.89 7.67
N ASP A 479 20.66 20.30 8.07
CA ASP A 479 19.30 20.85 7.84
C ASP A 479 19.05 21.94 8.89
N GLU A 480 19.57 23.14 8.63
CA GLU A 480 19.62 24.27 9.60
C GLU A 480 18.20 24.74 9.89
N ASP A 481 17.34 24.80 8.87
CA ASP A 481 15.92 25.24 9.03
C ASP A 481 15.24 24.29 10.01
N PHE A 482 15.43 22.98 9.87
CA PHE A 482 14.86 21.99 10.80
C PHE A 482 15.38 22.26 12.21
N LEU A 483 16.68 22.49 12.32
CA LEU A 483 17.36 22.71 13.62
C LEU A 483 16.86 24.04 14.22
N ALA A 484 16.61 25.02 13.36
CA ALA A 484 15.97 26.31 13.72
C ALA A 484 14.59 26.03 14.34
N ALA A 485 13.76 25.27 13.62
CA ALA A 485 12.40 24.87 14.04
C ALA A 485 12.45 24.33 15.47
N LEU A 486 13.31 23.33 15.70
CA LEU A 486 13.46 22.68 17.03
C LEU A 486 13.82 23.75 18.08
N GLU A 487 14.75 24.66 17.78
CA GLU A 487 15.19 25.70 18.75
C GLU A 487 14.12 26.78 18.93
N TYR A 488 12.97 26.70 18.25
CA TYR A 488 11.78 27.49 18.66
C TYR A 488 11.06 26.75 19.77
N GLY A 489 11.29 25.43 19.85
CA GLY A 489 10.66 24.54 20.84
C GLY A 489 9.65 23.62 20.19
N MET A 490 9.92 22.32 20.22
CA MET A 490 8.96 21.25 19.89
C MET A 490 8.50 20.63 21.20
N PRO A 491 7.17 20.48 21.46
CA PRO A 491 6.72 19.77 22.65
C PRO A 491 7.23 18.35 22.60
N PRO A 492 7.22 17.63 23.73
CA PRO A 492 7.46 16.19 23.69
C PRO A 492 6.35 15.60 22.80
N CYS A 493 6.75 14.77 21.85
CA CYS A 493 5.86 14.09 20.88
C CYS A 493 6.48 12.73 20.53
N THR A 494 5.66 11.76 20.12
CA THR A 494 6.10 10.42 19.65
C THR A 494 5.69 10.26 18.17
N GLY A 495 6.65 9.92 17.31
CA GLY A 495 6.36 9.68 15.88
C GLY A 495 6.21 8.20 15.60
N THR A 496 5.53 7.86 14.51
CA THR A 496 5.55 6.50 13.88
C THR A 496 5.76 6.67 12.39
N GLY A 497 6.40 5.68 11.77
CA GLY A 497 6.33 5.42 10.33
C GLY A 497 5.83 4.02 10.09
N MET A 498 5.15 3.77 8.97
CA MET A 498 4.66 2.42 8.58
C MET A 498 4.54 2.33 7.05
N GLY A 499 5.13 1.30 6.45
CA GLY A 499 5.02 0.98 5.01
C GLY A 499 3.70 0.29 4.69
N ILE A 500 2.93 0.86 3.76
CA ILE A 500 1.57 0.38 3.37
C ILE A 500 1.70 -0.92 2.57
N ASP A 501 2.68 -0.98 1.67
CA ASP A 501 2.93 -2.20 0.85
C ASP A 501 3.28 -3.32 1.83
N ARG A 502 4.19 -3.05 2.78
CA ARG A 502 4.58 -4.05 3.81
C ARG A 502 3.36 -4.41 4.66
N LEU A 503 2.57 -3.42 5.08
CA LEU A 503 1.30 -3.68 5.80
C LEU A 503 0.50 -4.73 5.03
N LEU A 504 0.30 -4.52 3.73
CA LEU A 504 -0.50 -5.45 2.90
C LEU A 504 0.23 -6.80 2.82
N MET A 505 1.51 -6.79 2.47
CA MET A 505 2.31 -8.04 2.44
C MET A 505 2.07 -8.76 3.76
N SER A 506 2.45 -8.11 4.86
CA SER A 506 2.32 -8.63 6.25
C SER A 506 0.90 -9.14 6.50
N LEU A 507 -0.12 -8.55 5.90
CA LEU A 507 -1.54 -8.92 6.19
C LEU A 507 -2.03 -10.06 5.29
N THR A 508 -1.42 -10.22 4.11
CA THR A 508 -2.02 -11.02 3.01
C THR A 508 -1.13 -12.18 2.58
N GLY A 509 0.19 -12.00 2.61
CA GLY A 509 1.13 -12.94 2.00
C GLY A 509 1.35 -12.59 0.55
N LEU A 510 0.73 -11.50 0.08
CA LEU A 510 0.97 -10.94 -1.27
C LEU A 510 2.38 -10.34 -1.31
N SER A 511 3.02 -10.44 -2.46
CA SER A 511 4.34 -9.84 -2.75
C SER A 511 4.14 -8.35 -3.06
N ILE A 512 5.15 -7.52 -2.76
CA ILE A 512 5.12 -6.03 -2.88
C ILE A 512 4.61 -5.59 -4.26
N ARG A 513 5.03 -6.27 -5.33
CA ARG A 513 4.66 -5.93 -6.73
C ARG A 513 3.15 -6.15 -6.96
N GLU A 514 2.51 -7.02 -6.15
CA GLU A 514 1.05 -7.31 -6.28
C GLU A 514 0.23 -6.24 -5.56
N THR A 515 0.82 -5.59 -4.56
CA THR A 515 0.12 -4.68 -3.61
C THR A 515 -0.14 -3.33 -4.25
N VAL A 516 0.89 -2.78 -4.91
CA VAL A 516 0.79 -1.50 -5.67
C VAL A 516 0.10 -1.82 -7.00
N LEU A 517 -0.79 -0.93 -7.45
CA LEU A 517 -1.47 -0.99 -8.77
C LEU A 517 -0.42 -1.05 -9.89
N PHE A 518 0.38 0.02 -10.03
CA PHE A 518 1.25 0.25 -11.21
C PHE A 518 2.70 0.37 -10.80
N PRO A 519 3.39 -0.76 -10.54
CA PRO A 519 4.82 -0.74 -10.29
C PRO A 519 5.66 -0.77 -11.57
N ILE A 520 6.93 -0.39 -11.48
CA ILE A 520 8.04 -0.89 -12.35
C ILE A 520 9.38 -0.42 -11.77
#